data_4J9L
#
_entry.id   4J9L
#
_cell.length_a   98.430
_cell.length_b   98.430
_cell.length_c   81.960
_cell.angle_alpha   90.000
_cell.angle_beta   90.000
_cell.angle_gamma   120.000
#
_symmetry.space_group_name_H-M   'P 61'
#
loop_
_entity.id
_entity.type
_entity.pdbx_description
1 polymer 'DNA polymerase eta'
2 polymer DNA
3 polymer DNA
4 non-polymer 'MAGNESIUM ION'
5 non-polymer "2'-deoxy-5'-O-[(R)-hydroxy{[(R)-hydroxy(phosphonooxy)phosphoryl]amino}phosphoryl]guanosine"
6 non-polymer GLYCEROL
7 water water
#
loop_
_entity_poly.entity_id
_entity_poly.type
_entity_poly.pdbx_seq_one_letter_code
_entity_poly.pdbx_strand_id
1 'polypeptide(L)'
;GPHMATGQDRVVALVDMDCFFVQVEQRQNPHLRNKPCAVVQYKSWKGGGIIAVSYEARAFGVTRSMWADDAKKLCPDLLL
AQVRESRGKANLTKYREASVEVMEIMSRFAVIERASIDEAYVDLTSAVQERLQKLQGQPISADLLPSTYIEGLPQGPTTA
EETVQKEGMRKQGLFQWLDSLQIDNLTSPDLQLTVGAVIVEEMRAAIERETGFQCSAGISHNKVLAKLACGLNKPNRQTL
VSHGSVPQLFSQMPIRKIRSLGGKLGASVIEILGIEYMGELTQFTESQLQSHFGEKNGSWLYAMCRGIEHDPVKPRQLPK
TIGCSKNFPGKTALATREQVQWWLLQLAQELEERLTKDRNDNDRVATQLVVSIRVQGDKRLSSLRRCCALTRYDAHKMSH
DAFTVIKNCNTSGIQTEWSPPLTMLFLCATKFSAS
;
A
2 'polydeoxyribonucleotide' (DT)(DA)(DC)(DT)(DG)(DA)(DT)(DG)(DA)(DC)(DG)(DT) T
3 'polydeoxyribonucleotide' (DT)(DA)(DC)(DG)(DT)(DC)(DA)(DT)(DC) P
#
loop_
_chem_comp.id
_chem_comp.type
_chem_comp.name
_chem_comp.formula
DA DNA linking 2'-DEOXYADENOSINE-5'-MONOPHOSPHATE 'C10 H14 N5 O6 P'
DC DNA linking 2'-DEOXYCYTIDINE-5'-MONOPHOSPHATE 'C9 H14 N3 O7 P'
DG DNA linking 2'-DEOXYGUANOSINE-5'-MONOPHOSPHATE 'C10 H14 N5 O7 P'
DT DNA linking THYMIDINE-5'-MONOPHOSPHATE 'C10 H15 N2 O8 P'
GOL non-polymer GLYCEROL 'C3 H8 O3'
MG non-polymer 'MAGNESIUM ION' 'Mg 2'
XG4 non-polymer 2'-deoxy-5'-O-[(R)-hydroxy{[(R)-hydroxy(phosphonooxy)phosphoryl]amino}phosphoryl]guanosine 'C10 H17 N6 O12 P3'
#
# COMPACT_ATOMS: atom_id res chain seq x y z
N GLY A 1 7.83 23.47 -25.75
CA GLY A 1 7.62 22.36 -26.67
C GLY A 1 8.75 21.34 -26.67
N PRO A 2 9.80 21.60 -27.47
CA PRO A 2 10.93 20.69 -27.68
C PRO A 2 11.73 20.38 -26.41
N HIS A 3 11.71 21.28 -25.44
CA HIS A 3 12.50 21.11 -24.22
C HIS A 3 11.65 20.76 -23.01
N MET A 4 10.34 20.71 -23.19
CA MET A 4 9.47 20.46 -22.06
C MET A 4 9.42 18.98 -21.71
N ALA A 5 9.94 18.64 -20.53
CA ALA A 5 9.97 17.26 -20.09
C ALA A 5 8.56 16.75 -19.79
N THR A 6 8.30 15.50 -20.15
CA THR A 6 6.96 14.96 -20.09
C THR A 6 6.82 13.87 -19.04
N GLY A 7 7.88 13.60 -18.28
CA GLY A 7 7.84 12.57 -17.25
C GLY A 7 7.61 11.18 -17.81
N GLN A 8 8.28 10.85 -18.91
CA GLN A 8 8.07 9.57 -19.58
C GLN A 8 9.36 8.79 -19.61
N ASP A 9 10.28 9.13 -18.71
CA ASP A 9 11.61 8.54 -18.67
C ASP A 9 11.65 7.13 -18.06
N ARG A 10 10.65 6.78 -17.26
CA ARG A 10 10.68 5.53 -16.51
C ARG A 10 9.46 4.67 -16.76
N VAL A 11 9.60 3.37 -16.55
CA VAL A 11 8.43 2.51 -16.49
C VAL A 11 8.36 1.97 -15.07
N VAL A 12 7.26 2.26 -14.40
CA VAL A 12 7.09 1.94 -12.98
C VAL A 12 5.77 1.19 -12.81
N ALA A 13 5.82 0.09 -12.07
CA ALA A 13 4.58 -0.62 -11.75
C ALA A 13 4.32 -0.59 -10.27
N LEU A 14 3.05 -0.77 -9.93
CA LEU A 14 2.65 -0.97 -8.54
C LEU A 14 1.79 -2.23 -8.53
N VAL A 15 2.24 -3.23 -7.79
CA VAL A 15 1.54 -4.49 -7.70
C VAL A 15 0.94 -4.56 -6.31
N ASP A 16 -0.37 -4.78 -6.25
CA ASP A 16 -1.06 -4.84 -4.96
C ASP A 16 -1.95 -6.09 -4.84
N MET A 17 -1.82 -6.85 -3.74
CA MET A 17 -2.52 -8.14 -3.65
C MET A 17 -4.03 -7.92 -3.53
N ASP A 18 -4.87 -8.74 -4.12
CA ASP A 18 -6.29 -8.50 -3.94
C ASP A 18 -6.74 -9.01 -2.56
N CYS A 19 -7.55 -8.22 -1.84
CA CYS A 19 -8.05 -8.57 -0.49
C CYS A 19 -7.10 -9.50 0.24
N PHE A 20 -5.89 -9.01 0.50
CA PHE A 20 -4.75 -9.87 0.83
C PHE A 20 -4.95 -10.80 2.03
N PHE A 21 -5.32 -10.27 3.20
CA PHE A 21 -5.44 -11.15 4.38
C PHE A 21 -6.54 -12.19 4.12
N VAL A 22 -7.56 -11.82 3.35
CA VAL A 22 -8.59 -12.78 2.98
C VAL A 22 -8.03 -13.95 2.15
N GLN A 23 -7.24 -13.64 1.13
CA GLN A 23 -6.60 -14.66 0.32
C GLN A 23 -5.68 -15.53 1.14
N VAL A 24 -4.95 -14.94 2.09
CA VAL A 24 -4.10 -15.77 2.95
C VAL A 24 -4.95 -16.84 3.69
N GLU A 25 -6.07 -16.41 4.27
CA GLU A 25 -6.93 -17.31 5.00
C GLU A 25 -7.66 -18.30 4.07
N GLN A 26 -8.02 -17.84 2.88
CA GLN A 26 -8.65 -18.75 1.90
C GLN A 26 -7.69 -19.81 1.36
N ARG A 27 -6.42 -19.46 1.25
CA ARG A 27 -5.42 -20.45 0.83
C ARG A 27 -5.38 -21.57 1.86
N GLN A 28 -5.35 -21.20 3.14
CA GLN A 28 -5.19 -22.14 4.24
C GLN A 28 -6.44 -22.98 4.48
N ASN A 29 -7.60 -22.34 4.29
CA ASN A 29 -8.89 -22.96 4.53
C ASN A 29 -9.75 -22.89 3.26
N PRO A 30 -9.69 -23.96 2.44
CA PRO A 30 -10.44 -24.00 1.17
C PRO A 30 -11.96 -23.80 1.34
N HIS A 31 -12.50 -24.10 2.53
CA HIS A 31 -13.90 -23.82 2.81
C HIS A 31 -14.30 -22.33 2.62
N LEU A 32 -13.32 -21.43 2.70
CA LEU A 32 -13.56 -20.00 2.54
C LEU A 32 -13.39 -19.49 1.10
N ARG A 33 -12.87 -20.32 0.21
CA ARG A 33 -12.63 -19.91 -1.17
C ARG A 33 -13.91 -19.60 -1.93
N ASN A 34 -13.87 -18.53 -2.71
CA ASN A 34 -14.97 -18.12 -3.57
C ASN A 34 -16.25 -17.85 -2.80
N LYS A 35 -16.09 -17.24 -1.62
CA LYS A 35 -17.23 -16.96 -0.77
C LYS A 35 -17.13 -15.55 -0.23
N PRO A 36 -18.29 -14.97 0.16
CA PRO A 36 -18.23 -13.70 0.87
C PRO A 36 -17.53 -13.96 2.20
N CYS A 37 -16.37 -13.34 2.36
N CYS A 37 -16.37 -13.35 2.37
CA CYS A 37 -15.46 -13.62 3.47
CA CYS A 37 -15.64 -13.55 3.60
C CYS A 37 -14.80 -12.33 3.95
C CYS A 37 -14.79 -12.35 3.96
N ALA A 38 -14.50 -12.25 5.25
CA ALA A 38 -13.77 -11.10 5.77
C ALA A 38 -12.81 -11.54 6.84
N VAL A 39 -11.77 -10.74 7.07
CA VAL A 39 -10.86 -11.00 8.17
C VAL A 39 -11.09 -9.93 9.23
N VAL A 40 -11.19 -10.37 10.48
N VAL A 40 -11.06 -10.38 10.47
CA VAL A 40 -11.45 -9.45 11.58
CA VAL A 40 -11.46 -9.57 11.60
C VAL A 40 -10.37 -9.59 12.64
C VAL A 40 -10.36 -9.62 12.66
N GLN A 41 -10.24 -8.57 13.48
CA GLN A 41 -9.34 -8.62 14.64
C GLN A 41 -10.21 -8.59 15.87
N TYR A 42 -9.95 -9.52 16.79
CA TYR A 42 -10.74 -9.67 18.01
C TYR A 42 -12.13 -10.20 17.68
N LYS A 43 -12.97 -10.36 18.70
CA LYS A 43 -14.26 -11.02 18.45
C LYS A 43 -15.36 -10.58 19.42
N SER A 44 -14.99 -10.29 20.65
CA SER A 44 -15.99 -10.00 21.67
C SER A 44 -16.75 -8.70 21.42
N TRP A 45 -16.05 -7.64 21.07
CA TRP A 45 -16.72 -6.38 20.84
C TRP A 45 -17.25 -6.27 19.44
N LYS A 46 -18.56 -6.43 19.34
CA LYS A 46 -19.30 -6.24 18.10
C LYS A 46 -18.85 -7.22 17.02
N GLY A 47 -18.33 -8.37 17.43
CA GLY A 47 -17.92 -9.42 16.50
C GLY A 47 -16.52 -9.23 15.95
N GLY A 48 -15.86 -8.13 16.32
CA GLY A 48 -14.54 -7.83 15.81
C GLY A 48 -14.53 -6.83 14.68
N GLY A 49 -13.42 -6.13 14.49
CA GLY A 49 -13.30 -5.10 13.48
C GLY A 49 -12.76 -5.67 12.19
N ILE A 50 -13.49 -5.48 11.09
CA ILE A 50 -13.06 -6.00 9.79
C ILE A 50 -11.90 -5.23 9.18
N ILE A 51 -10.86 -5.94 8.75
CA ILE A 51 -9.73 -5.27 8.10
C ILE A 51 -9.50 -5.69 6.66
N ALA A 52 -10.18 -6.73 6.21
CA ALA A 52 -10.08 -7.17 4.82
C ALA A 52 -11.35 -7.88 4.38
N VAL A 53 -11.77 -7.64 3.13
CA VAL A 53 -13.05 -8.11 2.62
C VAL A 53 -12.94 -8.71 1.21
N SER A 54 -13.41 -9.93 1.02
CA SER A 54 -13.37 -10.55 -0.30
C SER A 54 -14.31 -9.80 -1.22
N TYR A 55 -14.07 -9.91 -2.52
CA TYR A 55 -14.86 -9.14 -3.49
C TYR A 55 -16.33 -9.60 -3.51
N GLU A 56 -16.57 -10.88 -3.26
CA GLU A 56 -17.93 -11.39 -3.13
C GLU A 56 -18.64 -10.66 -2.00
N ALA A 57 -17.95 -10.45 -0.89
CA ALA A 57 -18.55 -9.75 0.25
C ALA A 57 -18.72 -8.25 0.03
N ARG A 58 -17.83 -7.64 -0.77
CA ARG A 58 -17.94 -6.20 -1.02
C ARG A 58 -19.21 -5.87 -1.79
N ALA A 59 -19.67 -6.86 -2.57
CA ALA A 59 -20.91 -6.70 -3.33
C ALA A 59 -22.13 -6.52 -2.42
N PHE A 60 -22.03 -7.00 -1.18
CA PHE A 60 -23.09 -6.81 -0.19
C PHE A 60 -22.94 -5.51 0.59
N GLY A 61 -21.86 -4.78 0.33
CA GLY A 61 -21.61 -3.50 0.97
C GLY A 61 -20.68 -3.64 2.18
N VAL A 62 -20.10 -4.82 2.36
CA VAL A 62 -19.17 -5.03 3.48
C VAL A 62 -17.88 -4.29 3.19
N THR A 63 -17.36 -3.59 4.19
CA THR A 63 -16.13 -2.81 4.03
C THR A 63 -15.13 -3.00 5.17
N ARG A 64 -13.89 -2.62 4.88
CA ARG A 64 -12.90 -2.38 5.92
C ARG A 64 -13.46 -1.40 6.96
N SER A 65 -13.08 -1.59 8.22
CA SER A 65 -13.44 -0.70 9.35
C SER A 65 -14.89 -0.85 9.78
N MET A 66 -15.54 -1.87 9.25
CA MET A 66 -16.90 -2.20 9.67
C MET A 66 -16.82 -3.25 10.77
N TRP A 67 -17.71 -3.17 11.76
CA TRP A 67 -17.83 -4.22 12.76
C TRP A 67 -18.47 -5.43 12.17
N ALA A 68 -17.97 -6.62 12.51
CA ALA A 68 -18.52 -7.85 11.93
C ALA A 68 -20.02 -8.01 12.21
N ASP A 69 -20.48 -7.64 13.40
CA ASP A 69 -21.90 -7.72 13.70
C ASP A 69 -22.73 -6.89 12.70
N ASP A 70 -22.20 -5.75 12.28
CA ASP A 70 -22.88 -4.91 11.31
C ASP A 70 -22.78 -5.49 9.91
N ALA A 71 -21.59 -5.96 9.56
CA ALA A 71 -21.39 -6.63 8.29
C ALA A 71 -22.36 -7.79 8.10
N LYS A 72 -22.59 -8.54 9.17
CA LYS A 72 -23.49 -9.71 9.13
C LYS A 72 -24.94 -9.31 8.85
N LYS A 73 -25.29 -8.07 9.19
CA LYS A 73 -26.62 -7.55 8.86
C LYS A 73 -26.74 -7.36 7.35
N LEU A 74 -25.67 -6.92 6.72
CA LEU A 74 -25.68 -6.72 5.27
C LEU A 74 -25.56 -8.05 4.53
N CYS A 75 -24.83 -8.98 5.15
CA CYS A 75 -24.44 -10.22 4.47
C CYS A 75 -24.53 -11.38 5.47
N PRO A 76 -25.73 -11.95 5.61
CA PRO A 76 -25.97 -12.97 6.63
C PRO A 76 -25.07 -14.20 6.49
N ASP A 77 -24.65 -14.50 5.26
CA ASP A 77 -23.80 -15.68 5.02
C ASP A 77 -22.32 -15.39 5.05
N LEU A 78 -21.96 -14.18 5.48
CA LEU A 78 -20.57 -13.76 5.54
C LEU A 78 -19.74 -14.72 6.38
N LEU A 79 -18.67 -15.24 5.81
CA LEU A 79 -17.72 -16.05 6.56
C LEU A 79 -16.60 -15.17 7.11
N LEU A 80 -16.12 -15.49 8.31
CA LEU A 80 -15.12 -14.68 8.99
C LEU A 80 -13.94 -15.53 9.39
N ALA A 81 -12.74 -14.97 9.23
CA ALA A 81 -11.53 -15.55 9.78
C ALA A 81 -10.96 -14.50 10.72
N GLN A 82 -10.45 -14.94 11.87
CA GLN A 82 -9.89 -14.01 12.84
C GLN A 82 -8.39 -14.02 12.83
N VAL A 83 -7.80 -12.85 12.97
N VAL A 83 -7.79 -12.85 12.95
CA VAL A 83 -6.36 -12.70 13.12
CA VAL A 83 -6.34 -12.80 13.05
C VAL A 83 -5.93 -13.44 14.38
C VAL A 83 -5.94 -13.48 14.34
N ARG A 84 -4.78 -14.10 14.31
CA ARG A 84 -4.23 -14.79 15.49
C ARG A 84 -4.04 -13.81 16.64
N GLU A 85 -4.39 -14.24 17.84
CA GLU A 85 -4.19 -13.42 19.01
C GLU A 85 -3.14 -14.11 19.86
N SER A 86 -2.06 -13.40 20.19
CA SER A 86 -1.03 -13.97 21.05
C SER A 86 -0.69 -12.92 22.09
N ARG A 87 -0.44 -13.36 23.32
CA ARG A 87 -0.13 -12.46 24.41
C ARG A 87 -1.17 -11.37 24.57
N GLY A 88 -2.41 -11.72 24.24
CA GLY A 88 -3.53 -10.81 24.43
C GLY A 88 -3.68 -9.73 23.39
N LYS A 89 -2.96 -9.84 22.27
CA LYS A 89 -3.06 -8.84 21.23
C LYS A 89 -3.10 -9.46 19.83
N ALA A 90 -3.47 -8.67 18.84
CA ALA A 90 -3.51 -9.16 17.47
C ALA A 90 -2.08 -9.43 17.04
N ASN A 91 -1.89 -10.54 16.34
CA ASN A 91 -0.55 -10.90 15.89
C ASN A 91 -0.59 -11.13 14.38
N LEU A 92 0.11 -10.29 13.63
N LEU A 92 0.11 -10.28 13.63
CA LEU A 92 -0.02 -10.31 12.16
CA LEU A 92 -0.03 -10.30 12.18
C LEU A 92 1.05 -11.14 11.46
C LEU A 92 1.04 -11.13 11.46
N THR A 93 1.73 -11.99 12.22
CA THR A 93 2.84 -12.79 11.68
C THR A 93 2.54 -13.56 10.39
N LYS A 94 1.40 -14.23 10.32
CA LYS A 94 1.06 -15.05 9.15
C LYS A 94 1.04 -14.21 7.87
N TYR A 95 0.50 -13.01 7.99
CA TYR A 95 0.37 -12.11 6.85
C TYR A 95 1.72 -11.53 6.48
N ARG A 96 2.54 -11.20 7.48
CA ARG A 96 3.90 -10.74 7.21
C ARG A 96 4.74 -11.78 6.47
N GLU A 97 4.58 -13.06 6.84
CA GLU A 97 5.31 -14.14 6.18
C GLU A 97 4.81 -14.36 4.75
N ALA A 98 3.49 -14.32 4.57
CA ALA A 98 2.90 -14.41 3.24
C ALA A 98 3.38 -13.26 2.35
N SER A 99 3.52 -12.07 2.93
CA SER A 99 4.06 -10.91 2.22
C SER A 99 5.45 -11.22 1.66
N VAL A 100 6.32 -11.70 2.55
CA VAL A 100 7.67 -12.10 2.14
C VAL A 100 7.65 -13.06 0.95
N GLU A 101 6.75 -14.05 0.96
CA GLU A 101 6.61 -14.96 -0.21
C GLU A 101 6.43 -14.17 -1.51
N VAL A 102 5.55 -13.17 -1.46
CA VAL A 102 5.23 -12.40 -2.65
C VAL A 102 6.40 -11.48 -3.05
N MET A 103 6.92 -10.72 -2.08
CA MET A 103 8.05 -9.81 -2.33
C MET A 103 9.26 -10.52 -2.94
N GLU A 104 9.56 -11.73 -2.46
CA GLU A 104 10.69 -12.48 -2.99
C GLU A 104 10.51 -12.84 -4.47
N ILE A 105 9.29 -13.19 -4.85
CA ILE A 105 8.99 -13.43 -6.26
C ILE A 105 9.13 -12.18 -7.11
N MET A 106 8.55 -11.07 -6.63
CA MET A 106 8.70 -9.82 -7.34
C MET A 106 10.17 -9.42 -7.53
N SER A 107 11.01 -9.67 -6.54
N SER A 107 11.00 -9.68 -6.53
CA SER A 107 12.40 -9.25 -6.59
CA SER A 107 12.41 -9.30 -6.55
C SER A 107 13.22 -9.98 -7.66
C SER A 107 13.22 -9.98 -7.65
N ARG A 108 12.69 -11.06 -8.21
CA ARG A 108 13.39 -11.77 -9.27
C ARG A 108 13.33 -11.00 -10.58
N PHE A 109 12.31 -10.16 -10.74
CA PHE A 109 12.10 -9.47 -12.02
C PHE A 109 12.82 -8.13 -12.03
N ALA A 110 12.89 -7.50 -10.86
CA ALA A 110 13.35 -6.13 -10.78
C ALA A 110 13.51 -5.66 -9.35
N VAL A 111 14.12 -4.49 -9.23
CA VAL A 111 14.22 -3.77 -7.96
C VAL A 111 12.84 -3.39 -7.49
N ILE A 112 12.53 -3.74 -6.25
CA ILE A 112 11.25 -3.36 -5.67
C ILE A 112 11.36 -2.48 -4.44
N GLU A 113 10.34 -1.65 -4.26
CA GLU A 113 10.17 -0.88 -3.05
C GLU A 113 8.92 -1.40 -2.35
N ARG A 114 9.10 -2.04 -1.21
CA ARG A 114 7.97 -2.47 -0.37
C ARG A 114 7.27 -1.24 0.16
N ALA A 115 6.02 -1.07 -0.22
CA ALA A 115 5.27 0.11 0.20
C ALA A 115 4.27 -0.19 1.32
N SER A 116 3.92 -1.47 1.51
CA SER A 116 3.04 -1.89 2.59
C SER A 116 3.17 -3.40 2.70
N ILE A 117 2.41 -4.01 3.61
CA ILE A 117 2.41 -5.47 3.72
C ILE A 117 2.01 -6.20 2.43
N ASP A 118 1.26 -5.52 1.57
CA ASP A 118 0.73 -6.19 0.38
C ASP A 118 1.00 -5.55 -0.98
N GLU A 119 1.88 -4.58 -1.06
CA GLU A 119 2.19 -3.99 -2.35
C GLU A 119 3.61 -3.52 -2.46
N ALA A 120 4.10 -3.46 -3.68
CA ALA A 120 5.43 -2.97 -3.94
C ALA A 120 5.48 -2.25 -5.29
N TYR A 121 6.29 -1.20 -5.33
CA TYR A 121 6.62 -0.56 -6.60
C TYR A 121 7.76 -1.29 -7.25
N VAL A 122 7.78 -1.26 -8.58
CA VAL A 122 8.77 -1.94 -9.40
C VAL A 122 9.28 -0.99 -10.47
N ASP A 123 10.58 -0.75 -10.52
CA ASP A 123 11.16 0.03 -11.63
C ASP A 123 11.55 -0.91 -12.76
N LEU A 124 10.75 -0.91 -13.81
CA LEU A 124 10.93 -1.85 -14.91
C LEU A 124 11.67 -1.26 -16.10
N THR A 125 12.20 -0.06 -15.93
CA THR A 125 12.85 0.66 -17.03
C THR A 125 13.92 -0.18 -17.71
N SER A 126 14.84 -0.73 -16.92
CA SER A 126 15.93 -1.57 -17.43
C SER A 126 15.44 -2.87 -18.06
N ALA A 127 14.56 -3.55 -17.34
CA ALA A 127 13.99 -4.79 -17.82
C ALA A 127 13.27 -4.58 -19.14
N VAL A 128 12.62 -3.42 -19.29
CA VAL A 128 11.92 -3.11 -20.53
C VAL A 128 12.90 -2.94 -21.68
N GLN A 129 13.96 -2.18 -21.45
CA GLN A 129 15.00 -2.02 -22.46
C GLN A 129 15.54 -3.37 -22.91
N GLU A 130 15.81 -4.25 -21.95
CA GLU A 130 16.27 -5.60 -22.26
C GLU A 130 15.30 -6.37 -23.16
N ARG A 131 14.03 -6.36 -22.82
CA ARG A 131 13.04 -7.13 -23.57
C ARG A 131 12.87 -6.57 -24.97
N LEU A 132 12.98 -5.24 -25.10
CA LEU A 132 12.81 -4.58 -26.40
C LEU A 132 13.87 -5.03 -27.39
N GLN A 133 15.11 -5.12 -26.94
CA GLN A 133 16.20 -5.57 -27.81
C GLN A 133 16.05 -7.03 -28.18
N LYS A 134 15.64 -7.85 -27.21
CA LYS A 134 15.39 -9.27 -27.46
C LYS A 134 14.29 -9.47 -28.50
N LEU A 135 13.34 -8.55 -28.54
CA LEU A 135 12.14 -8.69 -29.36
C LEU A 135 12.43 -8.50 -30.86
N GLN A 136 13.43 -7.67 -31.17
CA GLN A 136 13.94 -7.49 -32.53
C GLN A 136 12.96 -6.81 -33.48
N GLY A 137 11.97 -6.12 -32.93
CA GLY A 137 10.99 -5.42 -33.75
C GLY A 137 9.75 -6.23 -34.00
N GLN A 138 9.57 -7.30 -33.24
CA GLN A 138 8.36 -8.10 -33.30
C GLN A 138 7.19 -7.26 -32.81
N PRO A 139 6.01 -7.43 -33.43
CA PRO A 139 4.83 -6.77 -32.87
C PRO A 139 4.46 -7.45 -31.55
N ILE A 140 3.63 -6.79 -30.73
CA ILE A 140 3.21 -7.38 -29.48
C ILE A 140 1.78 -7.89 -29.58
N SER A 141 1.64 -9.20 -29.42
CA SER A 141 0.35 -9.87 -29.53
C SER A 141 -0.54 -9.54 -28.32
N ALA A 142 -1.84 -9.37 -28.55
CA ALA A 142 -2.79 -9.22 -27.46
C ALA A 142 -2.72 -10.40 -26.49
N ASP A 143 -2.28 -11.53 -27.01
CA ASP A 143 -2.15 -12.75 -26.22
C ASP A 143 -1.15 -12.58 -25.09
N LEU A 144 -0.20 -11.67 -25.27
CA LEU A 144 0.79 -11.42 -24.23
C LEU A 144 0.21 -10.54 -23.12
N LEU A 145 -0.98 -10.01 -23.36
CA LEU A 145 -1.62 -9.09 -22.43
C LEU A 145 -3.05 -9.52 -22.07
N PRO A 146 -3.22 -10.75 -21.56
CA PRO A 146 -4.58 -11.29 -21.36
C PRO A 146 -5.38 -10.67 -20.22
N SER A 147 -4.75 -9.88 -19.33
CA SER A 147 -5.51 -9.29 -18.23
C SER A 147 -5.30 -7.77 -18.12
N THR A 148 -4.88 -7.15 -19.21
CA THR A 148 -4.49 -5.74 -19.22
C THR A 148 -5.58 -4.83 -19.77
N TYR A 149 -5.89 -3.77 -19.04
CA TYR A 149 -6.77 -2.71 -19.52
C TYR A 149 -5.92 -1.52 -19.90
N ILE A 150 -6.28 -0.85 -20.99
CA ILE A 150 -5.62 0.41 -21.37
C ILE A 150 -6.57 1.55 -20.99
N GLU A 151 -6.19 2.34 -19.99
CA GLU A 151 -7.06 3.40 -19.51
C GLU A 151 -7.36 4.41 -20.62
N GLY A 152 -8.63 4.71 -20.81
CA GLY A 152 -9.06 5.66 -21.83
C GLY A 152 -9.54 5.03 -23.12
N LEU A 153 -9.29 3.74 -23.32
CA LEU A 153 -9.76 3.03 -24.51
C LEU A 153 -10.74 1.92 -24.14
N PRO A 154 -11.63 1.52 -25.08
CA PRO A 154 -11.76 2.02 -26.45
C PRO A 154 -12.37 3.42 -26.51
N GLN A 155 -12.09 4.14 -27.58
CA GLN A 155 -12.68 5.44 -27.82
C GLN A 155 -13.00 5.55 -29.30
N GLY A 156 -13.83 6.53 -29.67
CA GLY A 156 -13.94 6.93 -31.06
C GLY A 156 -15.04 6.17 -31.77
N PRO A 157 -15.11 6.34 -33.10
CA PRO A 157 -16.13 5.71 -33.94
C PRO A 157 -15.82 4.26 -34.27
N THR A 163 -20.51 -4.54 -28.61
CA THR A 163 -20.19 -5.31 -27.41
C THR A 163 -20.65 -4.56 -26.15
N VAL A 164 -21.26 -5.28 -25.23
CA VAL A 164 -21.83 -4.67 -24.04
C VAL A 164 -21.29 -5.36 -22.78
N GLN A 165 -20.24 -6.15 -22.94
CA GLN A 165 -19.64 -6.85 -21.80
C GLN A 165 -18.22 -6.38 -21.50
N LYS A 166 -17.80 -6.49 -20.24
CA LYS A 166 -16.56 -5.85 -19.82
C LYS A 166 -15.32 -6.45 -20.49
N GLU A 167 -15.30 -7.76 -20.72
CA GLU A 167 -14.17 -8.36 -21.43
C GLU A 167 -14.08 -7.91 -22.89
N GLY A 168 -15.23 -7.71 -23.52
CA GLY A 168 -15.26 -7.23 -24.90
C GLY A 168 -14.68 -5.83 -24.97
N MET A 169 -15.06 -5.00 -24.00
CA MET A 169 -14.55 -3.65 -23.90
C MET A 169 -13.05 -3.70 -23.64
N ARG A 170 -12.62 -4.55 -22.72
CA ARG A 170 -11.19 -4.64 -22.46
C ARG A 170 -10.41 -5.00 -23.72
N LYS A 171 -10.92 -5.97 -24.47
CA LYS A 171 -10.24 -6.40 -25.69
C LYS A 171 -10.24 -5.32 -26.78
N GLN A 172 -11.37 -4.64 -26.95
CA GLN A 172 -11.47 -3.59 -27.96
C GLN A 172 -10.47 -2.48 -27.66
N GLY A 173 -10.39 -2.06 -26.39
CA GLY A 173 -9.44 -1.03 -26.01
C GLY A 173 -8.01 -1.49 -26.26
N LEU A 174 -7.71 -2.72 -25.87
CA LEU A 174 -6.38 -3.27 -26.09
C LEU A 174 -6.02 -3.32 -27.58
N PHE A 175 -6.95 -3.74 -28.42
CA PHE A 175 -6.69 -3.81 -29.87
C PHE A 175 -6.39 -2.43 -30.44
N GLN A 176 -7.17 -1.43 -30.03
CA GLN A 176 -6.96 -0.06 -30.49
C GLN A 176 -5.57 0.42 -30.10
N TRP A 177 -5.17 0.13 -28.86
CA TRP A 177 -3.85 0.51 -28.37
C TRP A 177 -2.74 -0.16 -29.19
N LEU A 178 -2.85 -1.48 -29.33
CA LEU A 178 -1.84 -2.26 -30.05
C LEU A 178 -1.77 -1.88 -31.52
N ASP A 179 -2.94 -1.74 -32.14
CA ASP A 179 -3.03 -1.38 -33.55
C ASP A 179 -2.32 -0.06 -33.81
N SER A 180 -2.31 0.82 -32.80
CA SER A 180 -1.67 2.12 -32.91
C SER A 180 -0.15 2.08 -32.69
N LEU A 181 0.29 1.12 -31.87
N LEU A 181 0.31 1.17 -31.83
CA LEU A 181 1.71 0.84 -31.69
CA LEU A 181 1.72 1.17 -31.38
C LEU A 181 2.32 0.34 -32.99
C LEU A 181 2.77 1.31 -32.47
N GLN A 182 1.73 -0.73 -33.53
N GLN A 182 3.83 2.06 -32.18
CA GLN A 182 2.24 -1.41 -34.70
CA GLN A 182 4.97 2.16 -33.08
C GLN A 182 2.32 -0.49 -35.92
C GLN A 182 6.13 1.24 -32.67
N ILE A 183 1.42 0.48 -35.96
N ILE A 183 6.11 0.02 -33.19
CA ILE A 183 1.28 1.38 -37.10
CA ILE A 183 7.10 -0.99 -32.80
C ILE A 183 2.11 2.65 -36.91
C ILE A 183 8.53 -0.64 -33.20
N ASP A 184 2.81 2.72 -35.78
N ASP A 184 8.70 0.10 -34.28
CA ASP A 184 3.71 3.85 -35.46
CA ASP A 184 10.04 0.40 -34.80
C ASP A 184 2.95 5.11 -35.07
C ASP A 184 10.90 1.27 -33.88
N ASN A 185 1.70 4.95 -34.64
N ASN A 185 10.26 2.00 -32.96
CA ASN A 185 0.91 6.12 -34.25
CA ASN A 185 11.00 2.95 -32.13
C ASN A 185 1.02 6.50 -32.78
C ASN A 185 11.27 2.46 -30.70
N LEU A 186 1.83 5.75 -32.03
N LEU A 186 12.50 1.99 -30.47
CA LEU A 186 2.11 6.11 -30.65
CA LEU A 186 12.95 1.58 -29.14
C LEU A 186 3.57 6.49 -30.50
C LEU A 186 12.66 2.61 -28.03
N THR A 187 4.04 6.56 -29.27
N THR A 187 12.63 3.89 -28.38
CA THR A 187 5.39 7.01 -29.01
CA THR A 187 12.52 4.96 -27.38
C THR A 187 6.25 5.89 -28.44
C THR A 187 11.09 5.48 -27.17
N SER A 188 7.56 6.14 -28.43
N SER A 188 10.11 4.92 -27.88
CA SER A 188 8.51 5.23 -27.78
CA SER A 188 8.72 5.32 -27.69
C SER A 188 8.15 4.95 -26.31
C SER A 188 8.23 4.98 -26.29
N PRO A 189 7.80 5.99 -25.52
CA PRO A 189 7.29 5.73 -24.16
C PRO A 189 6.09 4.81 -24.13
N ASP A 190 5.17 4.92 -25.10
CA ASP A 190 4.01 4.04 -25.10
C ASP A 190 4.42 2.59 -25.29
N LEU A 191 5.38 2.38 -26.18
CA LEU A 191 5.92 1.06 -26.43
C LEU A 191 6.55 0.52 -25.16
N GLN A 192 7.30 1.38 -24.46
CA GLN A 192 7.99 0.99 -23.25
C GLN A 192 7.00 0.56 -22.16
N LEU A 193 5.91 1.31 -22.03
CA LEU A 193 4.85 0.92 -21.10
C LEU A 193 4.22 -0.43 -21.46
N THR A 194 4.05 -0.67 -22.75
CA THR A 194 3.37 -1.86 -23.20
C THR A 194 4.23 -3.07 -22.82
N VAL A 195 5.53 -2.97 -23.07
CA VAL A 195 6.46 -4.04 -22.71
C VAL A 195 6.48 -4.21 -21.20
N GLY A 196 6.45 -3.09 -20.47
CA GLY A 196 6.31 -3.12 -19.03
C GLY A 196 5.09 -3.95 -18.63
N ALA A 197 3.97 -3.75 -19.32
CA ALA A 197 2.76 -4.50 -19.01
C ALA A 197 2.93 -5.98 -19.30
N VAL A 198 3.66 -6.31 -20.37
CA VAL A 198 3.94 -7.71 -20.68
C VAL A 198 4.68 -8.34 -19.52
N ILE A 199 5.71 -7.65 -19.02
CA ILE A 199 6.50 -8.18 -17.90
C ILE A 199 5.65 -8.31 -16.62
N VAL A 200 4.79 -7.33 -16.38
CA VAL A 200 3.89 -7.39 -15.23
C VAL A 200 2.91 -8.57 -15.32
N GLU A 201 2.40 -8.86 -16.51
CA GLU A 201 1.61 -10.09 -16.69
C GLU A 201 2.40 -11.33 -16.21
N GLU A 202 3.67 -11.39 -16.57
CA GLU A 202 4.52 -12.53 -16.23
C GLU A 202 4.75 -12.58 -14.72
N MET A 203 4.98 -11.43 -14.12
N MET A 203 5.00 -11.42 -14.12
CA MET A 203 5.20 -11.34 -12.68
CA MET A 203 5.18 -11.32 -12.67
C MET A 203 3.94 -11.78 -11.92
C MET A 203 3.94 -11.79 -11.93
N ARG A 204 2.79 -11.29 -12.34
CA ARG A 204 1.54 -11.64 -11.66
C ARG A 204 1.22 -13.13 -11.84
N ALA A 205 1.59 -13.69 -12.99
CA ALA A 205 1.42 -15.13 -13.21
C ALA A 205 2.33 -15.92 -12.27
N ALA A 206 3.57 -15.48 -12.12
CA ALA A 206 4.51 -16.18 -11.25
C ALA A 206 3.99 -16.15 -9.82
N ILE A 207 3.45 -15.00 -9.42
CA ILE A 207 2.96 -14.85 -8.06
C ILE A 207 1.82 -15.81 -7.84
N GLU A 208 0.88 -15.87 -8.79
CA GLU A 208 -0.28 -16.75 -8.61
C GLU A 208 0.11 -18.23 -8.63
N ARG A 209 1.00 -18.60 -9.56
CA ARG A 209 1.45 -20.00 -9.65
C ARG A 209 2.13 -20.45 -8.36
N GLU A 210 2.99 -19.58 -7.82
CA GLU A 210 3.87 -20.00 -6.73
C GLU A 210 3.30 -19.77 -5.33
N THR A 211 2.28 -18.94 -5.22
CA THR A 211 1.68 -18.66 -3.92
C THR A 211 0.22 -19.00 -3.85
N GLY A 212 -0.46 -19.00 -4.98
CA GLY A 212 -1.91 -19.08 -5.00
C GLY A 212 -2.63 -17.74 -4.92
N PHE A 213 -1.90 -16.65 -4.67
CA PHE A 213 -2.54 -15.35 -4.47
C PHE A 213 -2.72 -14.57 -5.79
N GLN A 214 -3.85 -13.90 -5.94
CA GLN A 214 -4.07 -13.00 -7.07
C GLN A 214 -3.78 -11.55 -6.67
N CYS A 215 -3.37 -10.76 -7.64
CA CYS A 215 -3.09 -9.35 -7.39
C CYS A 215 -3.53 -8.56 -8.60
N SER A 216 -3.58 -7.25 -8.42
CA SER A 216 -3.78 -6.34 -9.53
C SER A 216 -2.53 -5.49 -9.66
N ALA A 217 -2.42 -4.75 -10.75
CA ALA A 217 -1.23 -3.90 -10.91
C ALA A 217 -1.51 -2.70 -11.78
N GLY A 218 -0.75 -1.64 -11.54
CA GLY A 218 -0.78 -0.49 -12.42
C GLY A 218 0.56 -0.35 -13.10
N ILE A 219 0.54 0.04 -14.36
CA ILE A 219 1.77 0.30 -15.09
C ILE A 219 1.70 1.70 -15.66
N SER A 220 2.65 2.56 -15.27
CA SER A 220 2.74 3.90 -15.83
C SER A 220 4.18 4.42 -15.77
N HIS A 221 4.34 5.73 -15.77
CA HIS A 221 5.66 6.33 -15.85
C HIS A 221 6.20 6.77 -14.48
N ASN A 222 5.37 6.67 -13.45
CA ASN A 222 5.78 7.05 -12.10
C ASN A 222 4.91 6.34 -11.05
N LYS A 223 5.31 6.45 -9.79
CA LYS A 223 4.64 5.73 -8.69
C LYS A 223 3.19 6.16 -8.49
N VAL A 224 2.94 7.46 -8.54
CA VAL A 224 1.58 7.97 -8.31
C VAL A 224 0.61 7.45 -9.36
N LEU A 225 0.97 7.57 -10.64
CA LEU A 225 0.11 7.05 -11.72
C LEU A 225 -0.02 5.53 -11.67
N ALA A 226 1.07 4.81 -11.39
CA ALA A 226 1.01 3.35 -11.23
C ALA A 226 0.06 2.93 -10.11
N LYS A 227 0.17 3.57 -8.95
CA LYS A 227 -0.76 3.30 -7.84
C LYS A 227 -2.22 3.63 -8.22
N LEU A 228 -2.44 4.77 -8.84
CA LEU A 228 -3.80 5.11 -9.31
C LEU A 228 -4.34 4.08 -10.32
N ALA A 229 -3.48 3.69 -11.27
CA ALA A 229 -3.86 2.72 -12.30
C ALA A 229 -4.30 1.40 -11.68
N CYS A 230 -3.57 0.96 -10.66
CA CYS A 230 -3.80 -0.35 -10.06
C CYS A 230 -5.25 -0.53 -9.57
N GLY A 231 -5.78 0.51 -8.97
CA GLY A 231 -7.11 0.48 -8.41
C GLY A 231 -8.21 0.55 -9.45
N LEU A 232 -7.88 0.93 -10.68
CA LEU A 232 -8.92 1.15 -11.68
C LEU A 232 -9.69 -0.09 -12.09
N ASN A 233 -9.03 -1.25 -12.13
CA ASN A 233 -9.70 -2.49 -12.54
C ASN A 233 -9.51 -3.71 -11.61
N LYS A 234 -9.43 -3.49 -10.31
CA LYS A 234 -9.38 -4.58 -9.34
C LYS A 234 -10.71 -5.34 -9.36
N PRO A 235 -10.68 -6.66 -9.13
CA PRO A 235 -9.51 -7.49 -8.79
C PRO A 235 -8.95 -8.27 -9.98
N ASN A 236 -7.75 -8.83 -9.79
CA ASN A 236 -7.15 -9.75 -10.75
C ASN A 236 -6.99 -9.17 -12.15
N ARG A 237 -6.69 -7.89 -12.26
CA ARG A 237 -6.44 -7.26 -13.56
C ARG A 237 -5.32 -6.22 -13.44
N GLN A 238 -4.73 -5.84 -14.56
CA GLN A 238 -3.75 -4.76 -14.50
C GLN A 238 -4.12 -3.66 -15.49
N THR A 239 -3.71 -2.43 -15.18
CA THR A 239 -4.12 -1.27 -15.98
C THR A 239 -2.90 -0.44 -16.39
N LEU A 240 -2.85 -0.07 -17.66
CA LEU A 240 -1.78 0.77 -18.18
C LEU A 240 -2.34 2.19 -18.33
N VAL A 241 -1.69 3.14 -17.68
CA VAL A 241 -2.04 4.55 -17.79
C VAL A 241 -0.91 5.25 -18.51
N SER A 242 -1.18 5.67 -19.74
CA SER A 242 -0.12 6.30 -20.53
C SER A 242 -0.06 7.79 -20.21
N HIS A 243 1.04 8.45 -20.58
CA HIS A 243 1.12 9.90 -20.45
C HIS A 243 -0.08 10.54 -21.16
N GLY A 244 -0.41 10.03 -22.35
CA GLY A 244 -1.47 10.61 -23.15
C GLY A 244 -2.86 10.52 -22.54
N SER A 245 -3.07 9.50 -21.71
CA SER A 245 -4.35 9.31 -21.03
C SER A 245 -4.62 10.32 -19.91
N VAL A 246 -3.58 10.99 -19.44
CA VAL A 246 -3.72 11.82 -18.24
C VAL A 246 -4.75 12.98 -18.28
N PRO A 247 -4.75 13.81 -19.34
CA PRO A 247 -5.72 14.91 -19.36
C PRO A 247 -7.17 14.48 -19.17
N GLN A 248 -7.61 13.44 -19.88
CA GLN A 248 -8.98 12.99 -19.72
C GLN A 248 -9.17 12.31 -18.37
N LEU A 249 -8.18 11.54 -17.95
CA LEU A 249 -8.26 10.83 -16.67
C LEU A 249 -8.42 11.81 -15.52
N PHE A 250 -7.59 12.85 -15.51
CA PHE A 250 -7.58 13.79 -14.40
C PHE A 250 -8.70 14.82 -14.48
N SER A 251 -9.34 14.93 -15.64
CA SER A 251 -10.37 15.97 -15.82
C SER A 251 -11.59 15.76 -14.91
N GLN A 252 -11.91 14.52 -14.54
CA GLN A 252 -13.01 14.27 -13.60
C GLN A 252 -12.53 13.50 -12.38
N MET A 253 -11.22 13.55 -12.14
CA MET A 253 -10.62 12.78 -11.05
C MET A 253 -10.59 13.61 -9.77
N PRO A 254 -11.36 13.19 -8.76
CA PRO A 254 -11.39 13.98 -7.52
C PRO A 254 -10.00 14.06 -6.91
N ILE A 255 -9.65 15.22 -6.38
CA ILE A 255 -8.29 15.44 -5.87
C ILE A 255 -7.87 14.40 -4.81
N ARG A 256 -8.80 14.03 -3.92
CA ARG A 256 -8.50 13.07 -2.87
C ARG A 256 -8.06 11.69 -3.38
N LYS A 257 -8.26 11.42 -4.66
CA LYS A 257 -7.93 10.10 -5.20
C LYS A 257 -6.44 9.87 -5.45
N ILE A 258 -5.67 10.96 -5.52
CA ILE A 258 -4.24 10.85 -5.81
C ILE A 258 -3.51 10.65 -4.50
N ARG A 259 -2.54 9.73 -4.50
CA ARG A 259 -1.81 9.42 -3.27
C ARG A 259 -1.17 10.66 -2.66
N SER A 260 -1.49 10.88 -1.38
CA SER A 260 -1.01 11.97 -0.51
C SER A 260 -1.99 13.17 -0.43
N LEU A 261 -3.00 13.20 -1.30
CA LEU A 261 -3.96 14.30 -1.27
C LEU A 261 -5.29 13.93 -0.64
N GLY A 262 -5.33 12.75 -0.01
CA GLY A 262 -6.56 12.24 0.59
C GLY A 262 -6.88 12.78 1.97
N GLY A 263 -5.99 13.61 2.51
CA GLY A 263 -6.16 14.18 3.84
C GLY A 263 -6.22 15.70 3.83
N LYS A 264 -5.60 16.31 4.84
CA LYS A 264 -5.68 17.76 5.04
C LYS A 264 -5.18 18.64 3.88
N LEU A 265 -4.05 18.27 3.28
CA LEU A 265 -3.52 19.03 2.16
C LEU A 265 -4.50 19.05 1.01
N GLY A 266 -5.06 17.88 0.68
CA GLY A 266 -5.99 17.79 -0.44
C GLY A 266 -7.22 18.64 -0.18
N ALA A 267 -7.67 18.64 1.07
CA ALA A 267 -8.82 19.47 1.43
C ALA A 267 -8.48 20.95 1.31
N SER A 268 -7.26 21.34 1.67
CA SER A 268 -6.87 22.73 1.54
C SER A 268 -6.72 23.15 0.08
N VAL A 269 -6.25 22.24 -0.77
CA VAL A 269 -6.17 22.52 -2.20
C VAL A 269 -7.57 22.84 -2.75
N ILE A 270 -8.54 21.99 -2.42
CA ILE A 270 -9.92 22.17 -2.86
C ILE A 270 -10.51 23.49 -2.37
N GLU A 271 -10.35 23.74 -1.07
CA GLU A 271 -10.92 24.93 -0.43
C GLU A 271 -10.26 26.22 -0.89
N ILE A 272 -8.93 26.26 -0.84
CA ILE A 272 -8.22 27.48 -1.22
C ILE A 272 -8.39 27.79 -2.71
N LEU A 273 -8.24 26.78 -3.56
CA LEU A 273 -8.26 27.04 -4.99
C LEU A 273 -9.69 27.04 -5.56
N GLY A 274 -10.63 26.47 -4.81
CA GLY A 274 -12.01 26.39 -5.27
C GLY A 274 -12.17 25.46 -6.46
N ILE A 275 -11.49 24.32 -6.42
CA ILE A 275 -11.57 23.33 -7.50
C ILE A 275 -11.92 21.96 -6.95
N GLU A 276 -12.24 21.01 -7.83
CA GLU A 276 -12.58 19.65 -7.38
C GLU A 276 -11.71 18.59 -8.00
N TYR A 277 -11.25 18.83 -9.22
CA TYR A 277 -10.58 17.78 -9.97
C TYR A 277 -9.10 18.04 -10.19
N MET A 278 -8.34 16.95 -10.24
CA MET A 278 -6.89 17.01 -10.37
C MET A 278 -6.49 17.84 -11.60
N GLY A 279 -7.23 17.66 -12.69
CA GLY A 279 -6.93 18.40 -13.92
C GLY A 279 -7.01 19.90 -13.75
N GLU A 280 -7.91 20.37 -12.89
CA GLU A 280 -8.09 21.81 -12.73
C GLU A 280 -6.82 22.49 -12.21
N LEU A 281 -5.91 21.72 -11.63
CA LEU A 281 -4.64 22.28 -11.14
C LEU A 281 -3.75 22.88 -12.22
N THR A 282 -3.92 22.48 -13.47
CA THR A 282 -3.04 22.96 -14.53
C THR A 282 -3.17 24.46 -14.75
N GLN A 283 -4.25 25.05 -14.25
CA GLN A 283 -4.52 26.46 -14.49
C GLN A 283 -3.81 27.41 -13.53
N PHE A 284 -2.97 26.88 -12.66
CA PHE A 284 -2.24 27.69 -11.70
C PHE A 284 -0.75 27.64 -12.02
N THR A 285 -0.03 28.75 -11.81
CA THR A 285 1.40 28.74 -12.08
C THR A 285 2.06 27.99 -10.93
N GLU A 286 3.27 27.50 -11.17
CA GLU A 286 4.01 26.82 -10.11
C GLU A 286 4.18 27.74 -8.90
N SER A 287 4.47 29.02 -9.15
CA SER A 287 4.61 29.98 -8.06
C SER A 287 3.33 30.15 -7.25
N GLN A 288 2.19 30.16 -7.93
CA GLN A 288 0.90 30.26 -7.24
C GLN A 288 0.71 29.08 -6.31
N LEU A 289 0.98 27.88 -6.81
CA LEU A 289 0.80 26.70 -5.99
C LEU A 289 1.78 26.69 -4.82
N GLN A 290 3.02 27.11 -5.07
CA GLN A 290 4.01 27.14 -4.01
C GLN A 290 3.62 28.17 -2.93
N SER A 291 2.96 29.25 -3.35
N SER A 291 2.96 29.24 -3.35
CA SER A 291 2.53 30.30 -2.43
CA SER A 291 2.53 30.29 -2.45
C SER A 291 1.54 29.76 -1.40
C SER A 291 1.52 29.79 -1.41
N HIS A 292 0.62 28.91 -1.85
CA HIS A 292 -0.38 28.35 -0.95
C HIS A 292 0.10 27.14 -0.16
N PHE A 293 0.87 26.26 -0.81
CA PHE A 293 1.12 24.93 -0.25
C PHE A 293 2.59 24.67 0.04
N GLY A 294 3.41 25.69 -0.20
CA GLY A 294 4.82 25.56 0.10
C GLY A 294 5.58 25.16 -1.14
N GLU A 295 6.88 25.39 -1.09
CA GLU A 295 7.79 25.16 -2.19
C GLU A 295 7.75 23.71 -2.69
N LYS A 296 7.87 22.75 -1.77
CA LYS A 296 7.94 21.36 -2.17
C LYS A 296 6.60 20.87 -2.71
N ASN A 297 5.54 21.13 -1.96
CA ASN A 297 4.21 20.70 -2.35
C ASN A 297 3.73 21.41 -3.61
N GLY A 298 4.07 22.68 -3.74
CA GLY A 298 3.60 23.44 -4.88
C GLY A 298 4.23 22.91 -6.16
N SER A 299 5.53 22.60 -6.08
CA SER A 299 6.26 22.04 -7.21
C SER A 299 5.71 20.67 -7.56
N TRP A 300 5.42 19.88 -6.53
CA TRP A 300 4.91 18.52 -6.72
C TRP A 300 3.56 18.56 -7.40
N LEU A 301 2.69 19.44 -6.93
CA LEU A 301 1.36 19.58 -7.50
C LEU A 301 1.39 20.09 -8.94
N TYR A 302 2.29 21.03 -9.22
CA TYR A 302 2.41 21.59 -10.56
C TYR A 302 2.80 20.49 -11.55
N ALA A 303 3.77 19.67 -11.17
CA ALA A 303 4.15 18.55 -12.01
C ALA A 303 3.10 17.41 -12.03
N MET A 304 2.52 17.10 -10.88
CA MET A 304 1.63 15.92 -10.78
C MET A 304 0.36 16.06 -11.59
N CYS A 305 -0.20 17.28 -11.63
CA CYS A 305 -1.46 17.46 -12.38
C CYS A 305 -1.23 17.32 -13.89
N ARG A 306 0.03 17.35 -14.32
CA ARG A 306 0.40 17.09 -15.72
C ARG A 306 0.86 15.63 -15.95
N GLY A 307 0.68 14.78 -14.94
CA GLY A 307 1.09 13.39 -15.03
C GLY A 307 2.56 13.14 -14.72
N ILE A 308 3.24 14.13 -14.15
CA ILE A 308 4.68 14.05 -13.95
C ILE A 308 5.07 13.96 -12.48
N GLU A 309 5.98 13.05 -12.17
CA GLU A 309 6.38 12.83 -10.79
C GLU A 309 7.71 12.11 -10.78
N HIS A 310 8.61 12.51 -9.89
CA HIS A 310 9.98 12.04 -10.00
C HIS A 310 10.44 11.13 -8.85
N ASP A 311 9.57 10.92 -7.87
CA ASP A 311 9.94 10.12 -6.70
C ASP A 311 10.44 8.73 -7.12
N PRO A 312 11.68 8.38 -6.76
CA PRO A 312 12.22 7.12 -7.28
C PRO A 312 11.67 5.91 -6.56
N VAL A 313 11.76 4.77 -7.24
CA VAL A 313 11.44 3.50 -6.62
C VAL A 313 12.67 3.15 -5.76
N LYS A 314 12.49 3.18 -4.44
CA LYS A 314 13.59 2.93 -3.51
C LYS A 314 13.94 1.44 -3.50
N PRO A 315 15.24 1.13 -3.55
CA PRO A 315 15.61 -0.29 -3.47
C PRO A 315 15.50 -0.77 -2.02
N ARG A 316 14.30 -1.20 -1.65
CA ARG A 316 14.03 -1.57 -0.26
C ARG A 316 12.94 -2.62 -0.18
N GLN A 317 13.36 -3.86 0.08
CA GLN A 317 12.46 -5.00 0.14
C GLN A 317 11.93 -5.24 1.56
N LEU A 318 12.71 -4.84 2.55
CA LEU A 318 12.35 -5.09 3.94
C LEU A 318 11.81 -3.83 4.62
N PRO A 319 10.89 -4.01 5.57
CA PRO A 319 10.45 -2.87 6.37
C PRO A 319 11.63 -2.19 7.10
N LYS A 320 11.57 -0.87 7.26
CA LYS A 320 12.60 -0.09 7.95
C LYS A 320 12.42 -0.14 9.46
N THR A 321 11.24 -0.53 9.91
CA THR A 321 10.91 -0.54 11.32
C THR A 321 10.19 -1.83 11.66
N ILE A 322 10.27 -2.23 12.92
CA ILE A 322 9.52 -3.38 13.40
C ILE A 322 8.83 -2.94 14.69
N GLY A 323 7.50 -2.84 14.63
CA GLY A 323 6.76 -2.25 15.72
C GLY A 323 5.51 -3.04 16.05
N CYS A 324 5.00 -2.83 17.25
CA CYS A 324 3.70 -3.37 17.62
C CYS A 324 3.03 -2.47 18.63
N SER A 325 1.71 -2.51 18.64
CA SER A 325 0.93 -1.60 19.47
C SER A 325 -0.41 -2.22 19.82
N LYS A 326 -1.02 -1.67 20.83
CA LYS A 326 -2.36 -2.05 21.21
C LYS A 326 -3.09 -0.84 21.75
N ASN A 327 -4.33 -0.67 21.34
CA ASN A 327 -5.21 0.35 21.87
C ASN A 327 -5.98 -0.19 23.09
N PHE A 328 -6.30 0.70 24.02
CA PHE A 328 -7.08 0.37 25.19
C PHE A 328 -8.12 1.46 25.39
N PRO A 329 -9.17 1.46 24.56
CA PRO A 329 -10.13 2.57 24.50
C PRO A 329 -11.15 2.51 25.63
N GLY A 330 -11.82 3.64 25.88
CA GLY A 330 -12.88 3.73 26.87
C GLY A 330 -12.52 3.24 28.25
N LYS A 331 -13.33 2.31 28.76
CA LYS A 331 -13.17 1.74 30.09
C LYS A 331 -11.91 0.87 30.22
N THR A 332 -11.50 0.29 29.11
CA THR A 332 -10.37 -0.63 29.12
C THR A 332 -9.02 0.07 29.32
N ALA A 333 -9.01 1.41 29.25
CA ALA A 333 -7.76 2.19 29.41
C ALA A 333 -7.00 1.83 30.68
N LEU A 334 -5.67 1.72 30.56
CA LEU A 334 -4.83 1.20 31.65
C LEU A 334 -4.63 2.24 32.76
N ALA A 335 -4.99 1.84 33.99
CA ALA A 335 -5.13 2.79 35.10
C ALA A 335 -4.27 2.44 36.29
N THR A 336 -3.49 1.36 36.16
CA THR A 336 -2.54 0.99 37.20
C THR A 336 -1.13 0.76 36.64
N ARG A 337 -0.12 0.98 37.47
CA ARG A 337 1.27 0.78 37.05
C ARG A 337 1.53 -0.66 36.65
N GLU A 338 0.98 -1.61 37.40
CA GLU A 338 1.18 -3.02 37.10
C GLU A 338 0.56 -3.39 35.76
N GLN A 339 -0.57 -2.77 35.45
CA GLN A 339 -1.24 -2.97 34.18
C GLN A 339 -0.36 -2.49 33.03
N VAL A 340 0.13 -1.26 33.16
CA VAL A 340 1.03 -0.69 32.16
C VAL A 340 2.23 -1.61 31.93
N GLN A 341 2.84 -2.08 33.02
CA GLN A 341 4.01 -2.93 32.91
C GLN A 341 3.71 -4.28 32.27
N TRP A 342 2.57 -4.86 32.60
CA TRP A 342 2.21 -6.17 32.05
C TRP A 342 2.03 -6.11 30.54
N TRP A 343 1.33 -5.07 30.09
CA TRP A 343 1.13 -4.88 28.66
C TRP A 343 2.40 -4.47 27.91
N LEU A 344 3.25 -3.67 28.54
CA LEU A 344 4.53 -3.35 27.93
C LEU A 344 5.32 -4.64 27.74
N LEU A 345 5.22 -5.54 28.70
CA LEU A 345 5.89 -6.83 28.60
C LEU A 345 5.32 -7.68 27.45
N GLN A 346 3.99 -7.69 27.29
CA GLN A 346 3.38 -8.46 26.19
C GLN A 346 3.88 -7.93 24.83
N LEU A 347 3.87 -6.61 24.68
CA LEU A 347 4.38 -5.97 23.46
C LEU A 347 5.86 -6.28 23.25
N ALA A 348 6.63 -6.19 24.32
CA ALA A 348 8.07 -6.42 24.26
C ALA A 348 8.41 -7.83 23.83
N GLN A 349 7.63 -8.79 24.30
CA GLN A 349 7.86 -10.18 23.95
C GLN A 349 7.55 -10.47 22.50
N GLU A 350 6.48 -9.88 21.97
CA GLU A 350 6.22 -10.04 20.55
C GLU A 350 7.35 -9.40 19.75
N LEU A 351 7.80 -8.25 20.24
CA LEU A 351 8.81 -7.47 19.55
C LEU A 351 10.12 -8.25 19.51
N GLU A 352 10.50 -8.81 20.66
CA GLU A 352 11.70 -9.62 20.74
C GLU A 352 11.66 -10.81 19.77
N GLU A 353 10.52 -11.50 19.70
CA GLU A 353 10.38 -12.63 18.79
C GLU A 353 10.58 -12.19 17.33
N ARG A 354 9.93 -11.09 16.96
CA ARG A 354 10.03 -10.63 15.59
C ARG A 354 11.44 -10.12 15.28
N LEU A 355 12.08 -9.49 16.26
CA LEU A 355 13.44 -8.95 16.06
C LEU A 355 14.48 -10.05 15.91
N THR A 356 14.36 -11.06 16.77
CA THR A 356 15.30 -12.17 16.75
C THR A 356 15.23 -12.86 15.39
N LYS A 357 14.02 -13.11 14.91
CA LYS A 357 13.84 -13.69 13.59
C LYS A 357 14.35 -12.76 12.48
N ASP A 358 14.06 -11.47 12.62
CA ASP A 358 14.58 -10.50 11.66
C ASP A 358 16.09 -10.54 11.56
N ARG A 359 16.76 -10.59 12.70
CA ARG A 359 18.22 -10.63 12.72
C ARG A 359 18.81 -11.86 12.00
N ASN A 360 18.21 -13.04 12.21
CA ASN A 360 18.68 -14.26 11.52
C ASN A 360 18.44 -14.24 10.01
N ASP A 361 17.26 -13.75 9.60
CA ASP A 361 16.92 -13.67 8.19
C ASP A 361 17.71 -12.62 7.41
N ASN A 362 17.91 -11.45 8.03
CA ASN A 362 18.24 -10.23 7.28
C ASN A 362 19.57 -9.57 7.63
N ASP A 363 20.33 -10.17 8.54
CA ASP A 363 21.67 -9.68 8.85
C ASP A 363 21.68 -8.23 9.28
N ARG A 364 20.80 -7.87 10.20
CA ARG A 364 20.78 -6.52 10.71
C ARG A 364 20.27 -6.52 12.16
N VAL A 365 20.55 -5.46 12.89
CA VAL A 365 20.05 -5.29 14.26
C VAL A 365 19.49 -3.90 14.45
N ALA A 366 18.35 -3.81 15.13
CA ALA A 366 17.80 -2.53 15.55
C ALA A 366 18.65 -1.95 16.66
N THR A 367 18.82 -0.63 16.67
CA THR A 367 19.63 0.00 17.70
C THR A 367 18.83 1.00 18.52
N GLN A 368 17.61 1.28 18.11
CA GLN A 368 16.78 2.24 18.82
C GLN A 368 15.38 1.69 19.13
N LEU A 369 14.92 1.94 20.34
CA LEU A 369 13.56 1.58 20.73
C LEU A 369 12.74 2.83 20.92
N VAL A 370 11.67 2.96 20.15
CA VAL A 370 10.79 4.11 20.27
C VAL A 370 9.54 3.72 21.05
N VAL A 371 9.17 4.50 22.03
CA VAL A 371 7.99 4.21 22.85
C VAL A 371 6.99 5.34 22.69
N SER A 372 5.76 4.99 22.34
CA SER A 372 4.72 5.97 22.13
C SER A 372 3.50 5.58 22.96
N ILE A 373 2.84 6.58 23.54
CA ILE A 373 1.59 6.36 24.26
C ILE A 373 0.54 7.37 23.85
N ARG A 374 -0.72 7.01 24.10
CA ARG A 374 -1.82 7.94 24.01
C ARG A 374 -2.43 8.02 25.40
N VAL A 375 -2.76 9.23 25.82
CA VAL A 375 -3.40 9.40 27.12
C VAL A 375 -4.90 9.62 26.92
N GLN A 376 -5.68 9.18 27.89
CA GLN A 376 -7.14 9.30 27.82
C GLN A 376 -7.57 10.76 27.77
N GLY A 377 -8.44 11.07 26.82
CA GLY A 377 -8.91 12.44 26.68
C GLY A 377 -8.10 13.25 25.69
N ASP A 378 -7.18 12.59 24.99
CA ASP A 378 -6.37 13.22 23.94
C ASP A 378 -6.79 12.69 22.57
N LYS A 379 -7.21 13.60 21.69
CA LYS A 379 -7.65 13.24 20.35
C LYS A 379 -6.53 12.68 19.49
N ARG A 380 -5.32 13.17 19.73
CA ARG A 380 -4.15 12.82 18.92
C ARG A 380 -3.85 11.33 18.90
N LEU A 381 -3.39 10.84 17.75
CA LEU A 381 -2.94 9.46 17.61
C LEU A 381 -1.84 9.14 18.62
N SER A 382 -0.94 10.10 18.80
CA SER A 382 0.16 9.97 19.76
C SER A 382 0.15 11.12 20.75
N SER A 383 0.18 10.81 22.03
CA SER A 383 0.29 11.82 23.06
C SER A 383 1.75 12.15 23.29
N LEU A 384 2.61 11.16 23.13
CA LEU A 384 4.00 11.30 23.51
C LEU A 384 4.88 10.21 22.90
N ARG A 385 6.07 10.60 22.46
N ARG A 385 6.07 10.60 22.46
CA ARG A 385 7.01 9.67 21.86
CA ARG A 385 7.01 9.67 21.86
C ARG A 385 8.37 9.83 22.54
C ARG A 385 8.37 9.83 22.55
N ARG A 386 8.95 8.72 23.00
CA ARG A 386 10.24 8.76 23.66
C ARG A 386 11.07 7.62 23.14
N CYS A 387 12.38 7.81 23.06
CA CYS A 387 13.24 6.75 22.55
C CYS A 387 14.34 6.43 23.54
N CYS A 388 14.90 5.24 23.43
CA CYS A 388 16.10 4.88 24.18
C CYS A 388 16.91 3.89 23.37
N ALA A 389 18.11 3.58 23.84
CA ALA A 389 18.96 2.65 23.12
C ALA A 389 18.37 1.24 23.19
N LEU A 390 18.40 0.56 22.06
CA LEU A 390 18.04 -0.87 22.03
C LEU A 390 19.34 -1.64 21.86
N THR A 391 19.89 -2.10 22.97
CA THR A 391 21.22 -2.70 22.96
C THR A 391 21.17 -4.21 23.04
N ARG A 392 20.02 -4.74 23.47
CA ARG A 392 19.84 -6.19 23.59
C ARG A 392 18.43 -6.64 23.25
N TYR A 393 18.33 -7.75 22.53
CA TYR A 393 17.05 -8.33 22.17
C TYR A 393 16.53 -9.12 23.37
N ASP A 394 16.05 -8.38 24.36
CA ASP A 394 15.58 -8.98 25.59
C ASP A 394 14.27 -8.31 25.97
N ALA A 395 13.20 -9.10 26.03
CA ALA A 395 11.86 -8.57 26.26
C ALA A 395 11.74 -7.89 27.62
N HIS A 396 12.30 -8.50 28.65
CA HIS A 396 12.22 -7.88 29.98
C HIS A 396 12.97 -6.54 30.03
N LYS A 397 14.15 -6.50 29.43
CA LYS A 397 14.90 -5.24 29.38
C LYS A 397 14.21 -4.16 28.55
N MET A 398 13.70 -4.56 27.38
CA MET A 398 12.97 -3.61 26.55
C MET A 398 11.73 -3.06 27.25
N SER A 399 10.99 -3.94 27.93
CA SER A 399 9.78 -3.48 28.62
C SER A 399 10.12 -2.58 29.79
N HIS A 400 11.19 -2.93 30.52
CA HIS A 400 11.66 -2.12 31.64
C HIS A 400 12.13 -0.74 31.16
N ASP A 401 12.89 -0.73 30.07
CA ASP A 401 13.36 0.53 29.50
C ASP A 401 12.20 1.41 29.02
N ALA A 402 11.20 0.82 28.38
CA ALA A 402 10.06 1.59 27.90
C ALA A 402 9.33 2.24 29.06
N PHE A 403 9.20 1.50 30.14
CA PHE A 403 8.52 2.02 31.32
C PHE A 403 9.30 3.21 31.86
N THR A 404 10.60 3.03 31.99
CA THR A 404 11.49 4.10 32.44
C THR A 404 11.33 5.39 31.63
N VAL A 405 11.19 5.29 30.31
CA VAL A 405 11.11 6.52 29.51
C VAL A 405 9.76 7.25 29.57
N ILE A 406 8.69 6.53 29.91
CA ILE A 406 7.35 7.13 29.94
C ILE A 406 6.76 7.35 31.34
N LYS A 407 7.42 6.84 32.37
CA LYS A 407 6.87 6.85 33.72
C LYS A 407 6.64 8.26 34.31
N ASN A 408 7.38 9.25 33.83
CA ASN A 408 7.20 10.61 34.29
C ASN A 408 5.84 11.17 33.87
N CYS A 409 5.23 10.53 32.87
CA CYS A 409 3.92 10.98 32.36
C CYS A 409 2.80 10.78 33.36
N ASN A 410 2.99 9.84 34.29
CA ASN A 410 1.98 9.55 35.28
C ASN A 410 1.84 10.66 36.31
N THR A 411 0.74 11.42 36.22
CA THR A 411 0.51 12.57 37.08
C THR A 411 -0.15 12.18 38.40
N SER A 412 -0.48 10.90 38.56
CA SER A 412 -1.18 10.42 39.75
C SER A 412 -0.31 10.48 41.00
N GLY A 413 -0.91 10.86 42.12
CA GLY A 413 -0.21 10.96 43.38
C GLY A 413 0.16 9.63 44.01
N ILE A 414 -0.72 8.64 43.85
CA ILE A 414 -0.48 7.31 44.41
C ILE A 414 0.65 6.62 43.66
N GLN A 415 1.41 5.79 44.37
CA GLN A 415 2.50 5.04 43.75
C GLN A 415 1.95 4.03 42.76
N THR A 416 0.83 3.43 43.15
CA THR A 416 0.33 2.22 42.50
C THR A 416 -0.61 2.49 41.32
N GLU A 417 -1.01 3.75 41.16
CA GLU A 417 -2.03 4.11 40.16
C GLU A 417 -1.47 4.92 38.98
N TRP A 418 -2.14 4.79 37.84
CA TRP A 418 -1.72 5.53 36.65
C TRP A 418 -2.81 6.48 36.17
N SER A 419 -2.49 7.77 36.15
CA SER A 419 -3.41 8.76 35.62
C SER A 419 -2.60 9.83 34.90
N PRO A 420 -3.13 10.34 33.77
CA PRO A 420 -4.38 9.86 33.15
C PRO A 420 -4.18 8.48 32.54
N PRO A 421 -5.24 7.68 32.43
CA PRO A 421 -5.10 6.30 31.98
C PRO A 421 -4.62 6.21 30.53
N LEU A 422 -3.87 5.16 30.21
CA LEU A 422 -3.32 4.98 28.87
C LEU A 422 -4.31 4.33 27.91
N THR A 423 -4.54 4.98 26.77
CA THR A 423 -5.44 4.42 25.77
C THR A 423 -4.68 3.75 24.61
N MET A 424 -3.35 3.75 24.70
CA MET A 424 -2.52 3.15 23.65
C MET A 424 -1.06 2.97 24.10
N LEU A 425 -0.48 1.83 23.73
CA LEU A 425 0.94 1.58 23.92
C LEU A 425 1.52 1.15 22.59
N PHE A 426 2.73 1.62 22.28
CA PHE A 426 3.37 1.36 20.99
C PHE A 426 4.87 1.22 21.20
N LEU A 427 5.44 0.09 20.78
CA LEU A 427 6.89 -0.09 20.79
C LEU A 427 7.35 -0.27 19.37
N CYS A 428 8.40 0.45 18.99
CA CYS A 428 8.91 0.34 17.64
C CYS A 428 10.43 0.26 17.64
N ALA A 429 10.96 -0.80 17.05
CA ALA A 429 12.41 -0.93 16.93
C ALA A 429 12.82 -0.27 15.62
N THR A 430 13.84 0.58 15.69
CA THR A 430 14.25 1.37 14.54
C THR A 430 15.77 1.49 14.46
N LYS A 431 16.25 2.22 13.46
CA LYS A 431 17.68 2.49 13.28
C LYS A 431 18.51 1.20 13.15
N PHE A 432 18.22 0.45 12.09
CA PHE A 432 18.88 -0.83 11.84
C PHE A 432 20.31 -0.65 11.33
N SER A 433 21.21 -1.53 11.76
CA SER A 433 22.57 -1.50 11.27
C SER A 433 22.98 -2.91 10.89
N ALA A 434 23.87 -3.02 9.90
CA ALA A 434 24.36 -4.32 9.43
C ALA A 434 24.89 -5.15 10.59
N SER A 435 24.69 -6.47 10.52
CA SER A 435 25.16 -7.35 11.58
C SER A 435 25.89 -8.57 11.02
MG MG D . -4.43 -5.04 -1.58
MG MG E . -2.34 -2.47 -0.44
N1 XG4 F . -5.41 -2.54 10.39
C2 XG4 F . -4.57 -3.62 10.14
N2 XG4 F . -4.08 -4.27 11.25
N3 XG4 F . -4.44 -4.24 8.90
C4 XG4 F . -4.99 -3.58 7.89
C5 XG4 F . -5.78 -2.40 8.04
C6 XG4 F . -5.96 -1.92 9.35
O6 XG4 F . -6.63 -0.85 9.55
N7 XG4 F . -6.18 -2.00 6.80
C8 XG4 F . -5.72 -2.85 5.98
N9 XG4 F . -4.98 -3.86 6.56
PA XG4 F . -5.10 -3.07 1.13
PB XG4 F . -6.73 -5.41 0.43
PG XG4 F . -7.56 -4.64 -2.13
C1' XG4 F . -4.40 -5.07 5.94
O1A XG4 F . -4.31 -3.54 0.11
O1B XG4 F . -5.55 -6.01 -0.07
O1G XG4 F . -6.23 -4.20 -2.28
C2' XG4 F . -5.49 -6.10 5.53
O2A XG4 F . -5.23 -1.77 1.43
O2B XG4 F . -7.33 -6.12 1.42
O2G XG4 F . -7.70 -5.68 -3.12
C3' XG4 F . -5.39 -6.05 4.00
O3' XG4 F . -5.74 -7.17 3.39
N3A XG4 F . -6.46 -3.90 1.01
O3B XG4 F . -7.69 -5.23 -0.73
O3G XG4 F . -8.55 -3.70 -2.12
C4' XG4 F . -3.92 -5.60 3.74
O4' XG4 F . -3.60 -4.88 4.84
C5' XG4 F . -3.59 -4.85 2.37
O5' XG4 F . -4.20 -3.63 2.35
C1 GOL G . 3.76 14.74 -1.83
O1 GOL G . 2.62 15.55 -1.68
C2 GOL G . 4.99 15.42 -1.22
O2 GOL G . 6.01 14.45 -1.11
C3 GOL G . 5.49 16.55 -2.11
O3 GOL G . 6.86 16.35 -2.46
C1 GOL H . -6.45 19.22 -17.80
O1 GOL H . -5.41 18.43 -18.32
C2 GOL H . -7.75 18.40 -17.83
O2 GOL H . -7.60 17.29 -17.00
C3 GOL H . -8.98 19.24 -17.40
O3 GOL H . -8.81 19.85 -16.16
C1 GOL I . -8.99 -27.77 8.21
O1 GOL I . -8.68 -27.22 9.49
C2 GOL I . -10.09 -26.95 7.53
O2 GOL I . -9.71 -25.58 7.47
C3 GOL I . -10.30 -27.48 6.11
O3 GOL I . -10.70 -26.44 5.22
C1 GOL J . 4.39 -18.81 4.76
O1 GOL J . 4.33 -17.44 4.45
C2 GOL J . 5.71 -19.38 4.24
O2 GOL J . 6.78 -18.80 4.94
C3 GOL J . 5.69 -20.89 4.49
O3 GOL J . 6.66 -21.49 3.66
#